data_2EI4
#
_entry.id   2EI4
#
_cell.length_a   98.160
_cell.length_b   98.160
_cell.length_c   56.160
_cell.angle_alpha   90.00
_cell.angle_beta   90.00
_cell.angle_gamma   120.00
#
_symmetry.space_group_name_H-M   'P 3 2 1'
#
loop_
_entity.id
_entity.type
_entity.pdbx_description
1 polymer Archaerhodopsin-2
2 non-polymer alpha-D-glucopyranose
3 non-polymer RETINAL
4 non-polymer BACTERIORUBERIN
5 non-polymer 2,3-DI-PHYTANYL-GLYCEROL
6 water water
#
_entity_poly.entity_id   1
_entity_poly.type   'polypeptide(L)'
_entity_poly.pdbx_seq_one_letter_code
;QAGFDLLNDGRPETLWLGIGTLLMLIGTFYFIARGWGVTDKEAREYYAITILVPGIASAAYLAMFFGIGVTEVELASGTV
LDIYYARYADWLFTTPLLLLDLALLAKVDRVTIGTLIGVDALMIVTGLIGALSKTPLARYTWWLFSTIAFLFVLYYLLTS
LRSAAAKRSEEVRSTFNTLTALVAVLWTAYPILWIVGTEGAGVVGLGIETLAFMVLDVTAKVGFGFVLLRSRAILGETEA
PEPSAGADASAAD
;
_entity_poly.pdbx_strand_id   A
#
# COMPACT_ATOMS: atom_id res chain seq x y z
N GLN A 1 16.37 16.39 10.87
CA GLN A 1 14.98 15.89 11.11
C GLN A 1 14.95 14.36 11.14
N ALA A 2 14.52 13.79 12.25
CA ALA A 2 14.45 12.34 12.39
C ALA A 2 13.27 11.91 13.26
N GLY A 3 13.55 11.59 14.52
CA GLY A 3 12.51 11.15 15.44
C GLY A 3 13.11 10.68 16.74
N PHE A 4 12.67 9.54 17.23
CA PHE A 4 13.20 9.01 18.49
C PHE A 4 13.67 7.57 18.33
N ASP A 5 14.85 7.28 18.85
CA ASP A 5 15.45 5.95 18.76
C ASP A 5 14.91 5.03 19.85
N LEU A 6 13.71 4.53 19.61
CA LEU A 6 12.99 3.65 20.53
C LEU A 6 13.68 2.36 21.01
N LEU A 7 14.56 1.79 20.21
CA LEU A 7 15.24 0.54 20.61
C LEU A 7 16.72 0.70 20.98
N ASN A 8 17.16 1.93 21.16
CA ASN A 8 18.55 2.20 21.53
C ASN A 8 19.52 1.56 20.54
N ASP A 9 19.09 1.41 19.29
CA ASP A 9 19.96 0.80 18.28
C ASP A 9 20.42 1.80 17.23
N GLY A 10 20.25 3.09 17.53
CA GLY A 10 20.68 4.12 16.61
C GLY A 10 19.77 4.33 15.40
N ARG A 11 18.48 4.07 15.57
CA ARG A 11 17.51 4.24 14.49
C ARG A 11 16.34 5.07 14.97
N PRO A 12 16.45 6.41 14.88
CA PRO A 12 15.36 7.29 15.33
C PRO A 12 14.05 7.10 14.57
N GLU A 13 14.13 6.55 13.35
CA GLU A 13 12.90 6.34 12.57
C GLU A 13 12.00 5.28 13.20
N THR A 14 12.52 4.50 14.15
CA THR A 14 11.71 3.47 14.81
C THR A 14 10.49 4.09 15.50
N LEU A 15 10.57 5.38 15.82
CA LEU A 15 9.47 6.08 16.47
C LEU A 15 8.28 6.12 15.50
N TRP A 16 8.56 6.31 14.21
CA TRP A 16 7.51 6.36 13.21
C TRP A 16 7.02 4.95 12.89
N LEU A 17 7.94 3.99 12.88
CA LEU A 17 7.58 2.61 12.60
C LEU A 17 6.69 2.12 13.75
N GLY A 18 7.08 2.47 14.97
CA GLY A 18 6.30 2.07 16.13
C GLY A 18 4.89 2.61 16.06
N ILE A 19 4.76 3.90 15.77
CA ILE A 19 3.43 4.49 15.66
C ILE A 19 2.68 3.83 14.50
N GLY A 20 3.40 3.60 13.39
CA GLY A 20 2.78 2.96 12.25
C GLY A 20 2.24 1.59 12.68
N THR A 21 3.04 0.83 13.42
CA THR A 21 2.62 -0.48 13.90
C THR A 21 1.33 -0.37 14.71
N LEU A 22 1.36 0.44 15.77
CA LEU A 22 0.21 0.64 16.64
C LEU A 22 -1.06 0.99 15.86
N LEU A 23 -0.92 1.91 14.92
CA LEU A 23 -2.06 2.35 14.11
C LEU A 23 -2.64 1.26 13.23
N MET A 24 -1.78 0.41 12.66
CA MET A 24 -2.26 -0.68 11.80
C MET A 24 -2.99 -1.73 12.62
N LEU A 25 -2.57 -1.90 13.87
CA LEU A 25 -3.18 -2.87 14.76
C LEU A 25 -4.57 -2.44 15.21
N ILE A 26 -4.70 -1.22 15.71
CA ILE A 26 -6.02 -0.77 16.15
C ILE A 26 -6.94 -0.68 14.96
N GLY A 27 -6.36 -0.48 13.78
CA GLY A 27 -7.16 -0.41 12.58
C GLY A 27 -7.70 -1.79 12.25
N THR A 28 -6.86 -2.81 12.44
CA THR A 28 -7.24 -4.19 12.16
C THR A 28 -8.33 -4.67 13.13
N PHE A 29 -8.17 -4.35 14.41
CA PHE A 29 -9.15 -4.80 15.39
C PHE A 29 -10.39 -3.92 15.48
N TYR A 30 -10.35 -2.76 14.85
CA TYR A 30 -11.52 -1.91 14.84
C TYR A 30 -12.42 -2.47 13.76
N PHE A 31 -11.81 -2.82 12.62
CA PHE A 31 -12.54 -3.37 11.50
C PHE A 31 -13.15 -4.73 11.87
N ILE A 32 -12.41 -5.53 12.64
CA ILE A 32 -12.93 -6.83 13.04
C ILE A 32 -14.16 -6.64 13.93
N ALA A 33 -14.05 -5.75 14.90
CA ALA A 33 -15.17 -5.48 15.80
C ALA A 33 -16.37 -4.95 15.03
N ARG A 34 -16.16 -3.87 14.27
CA ARG A 34 -17.21 -3.25 13.48
C ARG A 34 -17.93 -4.22 12.54
N GLY A 35 -17.20 -5.18 11.99
CA GLY A 35 -17.81 -6.13 11.07
C GLY A 35 -18.11 -7.49 11.70
N TRP A 36 -17.86 -7.62 12.99
CA TRP A 36 -18.07 -8.90 13.67
C TRP A 36 -19.48 -9.47 13.54
N GLY A 37 -20.50 -8.60 13.59
CA GLY A 37 -21.87 -9.08 13.49
C GLY A 37 -22.48 -9.08 12.09
N VAL A 38 -21.68 -8.76 11.08
CA VAL A 38 -22.18 -8.72 9.71
C VAL A 38 -22.49 -10.10 9.14
N THR A 39 -23.73 -10.29 8.71
CA THR A 39 -24.17 -11.55 8.15
C THR A 39 -24.23 -11.50 6.62
N ASP A 40 -24.32 -10.29 6.07
CA ASP A 40 -24.38 -10.08 4.62
C ASP A 40 -23.14 -10.69 3.97
N LYS A 41 -23.35 -11.64 3.05
CA LYS A 41 -22.22 -12.31 2.40
C LYS A 41 -21.35 -11.38 1.56
N GLU A 42 -21.97 -10.41 0.90
CA GLU A 42 -21.23 -9.46 0.08
C GLU A 42 -20.39 -8.53 0.97
N ALA A 43 -20.97 -8.14 2.10
CA ALA A 43 -20.30 -7.24 3.04
C ALA A 43 -19.15 -7.91 3.81
N ARG A 44 -19.34 -9.16 4.21
CA ARG A 44 -18.31 -9.87 4.95
C ARG A 44 -17.10 -10.02 4.05
N GLU A 45 -17.35 -10.11 2.76
CA GLU A 45 -16.30 -10.23 1.76
C GLU A 45 -15.43 -8.97 1.77
N TYR A 46 -16.07 -7.80 1.80
CA TYR A 46 -15.33 -6.55 1.84
C TYR A 46 -14.60 -6.49 3.18
N TYR A 47 -15.30 -6.85 4.26
CA TYR A 47 -14.69 -6.83 5.57
C TYR A 47 -13.49 -7.78 5.66
N ALA A 48 -13.69 -9.00 5.19
CA ALA A 48 -12.62 -10.00 5.22
C ALA A 48 -11.37 -9.44 4.52
N ILE A 49 -11.52 -9.14 3.23
CA ILE A 49 -10.42 -8.61 2.43
C ILE A 49 -9.80 -7.36 3.06
N THR A 50 -10.64 -6.44 3.49
CA THR A 50 -10.16 -5.20 4.08
C THR A 50 -9.49 -5.33 5.44
N ILE A 51 -9.85 -6.36 6.21
CA ILE A 51 -9.23 -6.56 7.52
C ILE A 51 -7.81 -7.09 7.35
N LEU A 52 -7.64 -7.98 6.37
CA LEU A 52 -6.33 -8.58 6.09
C LEU A 52 -5.27 -7.55 5.73
N VAL A 53 -5.69 -6.46 5.08
CA VAL A 53 -4.74 -5.41 4.68
C VAL A 53 -3.99 -4.78 5.86
N PRO A 54 -4.70 -4.14 6.80
CA PRO A 54 -3.94 -3.56 7.92
C PRO A 54 -3.29 -4.66 8.76
N GLY A 55 -3.86 -5.84 8.71
CA GLY A 55 -3.31 -6.96 9.47
C GLY A 55 -1.90 -7.32 9.03
N ILE A 56 -1.72 -7.49 7.71
CA ILE A 56 -0.41 -7.83 7.18
C ILE A 56 0.55 -6.65 7.31
N ALA A 57 0.03 -5.44 7.15
CA ALA A 57 0.85 -4.25 7.29
C ALA A 57 1.40 -4.20 8.70
N SER A 58 0.57 -4.59 9.67
CA SER A 58 0.97 -4.61 11.08
C SER A 58 2.25 -5.44 11.22
N ALA A 59 2.21 -6.64 10.64
CA ALA A 59 3.34 -7.54 10.70
C ALA A 59 4.57 -6.90 10.08
N ALA A 60 4.38 -6.30 8.91
CA ALA A 60 5.49 -5.65 8.22
C ALA A 60 6.09 -4.52 9.06
N TYR A 61 5.25 -3.64 9.60
CA TYR A 61 5.74 -2.53 10.42
C TYR A 61 6.45 -3.01 11.69
N LEU A 62 5.89 -4.01 12.35
CA LEU A 62 6.49 -4.53 13.56
C LEU A 62 7.89 -5.05 13.20
N ALA A 63 8.00 -5.71 12.05
CA ALA A 63 9.28 -6.24 11.61
C ALA A 63 10.29 -5.12 11.33
N MET A 64 9.84 -4.04 10.70
CA MET A 64 10.75 -2.92 10.43
C MET A 64 11.10 -2.27 11.76
N PHE A 65 10.12 -2.23 12.67
CA PHE A 65 10.32 -1.66 13.99
C PHE A 65 11.48 -2.36 14.68
N PHE A 66 11.36 -3.69 14.84
CA PHE A 66 12.42 -4.46 15.50
C PHE A 66 13.76 -4.45 14.78
N GLY A 67 13.76 -4.09 13.50
CA GLY A 67 15.02 -4.06 12.77
C GLY A 67 15.20 -5.28 11.89
N ILE A 68 14.32 -6.25 12.05
CA ILE A 68 14.36 -7.49 11.28
C ILE A 68 13.99 -7.23 9.82
N GLY A 69 13.11 -6.26 9.60
CA GLY A 69 12.68 -5.94 8.25
C GLY A 69 13.50 -4.89 7.52
N VAL A 70 14.75 -4.72 7.92
CA VAL A 70 15.62 -3.76 7.26
C VAL A 70 17.00 -4.36 7.00
N THR A 71 17.59 -4.03 5.85
CA THR A 71 18.91 -4.54 5.48
C THR A 71 19.80 -3.45 4.88
N GLU A 72 21.10 -3.62 5.03
CA GLU A 72 22.09 -2.66 4.53
C GLU A 72 22.58 -3.02 3.12
N VAL A 73 22.22 -2.19 2.15
CA VAL A 73 22.63 -2.42 0.78
C VAL A 73 23.79 -1.50 0.42
N GLU A 74 24.93 -2.10 0.06
CA GLU A 74 26.10 -1.33 -0.28
C GLU A 74 26.11 -0.99 -1.76
N LEU A 75 26.09 0.29 -2.07
CA LEU A 75 26.09 0.75 -3.46
C LEU A 75 27.47 0.55 -4.06
N ALA A 76 27.55 0.57 -5.38
CA ALA A 76 28.82 0.39 -6.08
C ALA A 76 29.85 1.43 -5.62
N SER A 77 29.37 2.61 -5.26
CA SER A 77 30.26 3.68 -4.81
C SER A 77 30.69 3.50 -3.36
N GLY A 78 30.14 2.49 -2.69
CA GLY A 78 30.48 2.25 -1.31
C GLY A 78 29.51 2.90 -0.36
N THR A 79 28.57 3.66 -0.91
CA THR A 79 27.56 4.33 -0.09
C THR A 79 26.61 3.26 0.43
N VAL A 80 26.35 3.28 1.73
CA VAL A 80 25.45 2.30 2.32
C VAL A 80 24.08 2.86 2.67
N LEU A 81 23.05 2.23 2.10
CA LEU A 81 21.67 2.62 2.34
C LEU A 81 21.00 1.58 3.21
N ASP A 82 20.04 2.04 4.01
CA ASP A 82 19.28 1.14 4.85
C ASP A 82 17.95 0.95 4.17
N ILE A 83 17.81 -0.19 3.51
CA ILE A 83 16.61 -0.53 2.77
C ILE A 83 15.62 -1.33 3.61
N TYR A 84 14.46 -0.74 3.86
CA TYR A 84 13.42 -1.41 4.62
C TYR A 84 12.63 -2.25 3.61
N TYR A 85 13.24 -3.39 3.25
CA TYR A 85 12.67 -4.31 2.27
C TYR A 85 11.32 -4.88 2.65
N ALA A 86 11.05 -4.95 3.95
CA ALA A 86 9.79 -5.47 4.46
C ALA A 86 8.57 -4.79 3.83
N ARG A 87 8.74 -3.51 3.45
CA ARG A 87 7.64 -2.77 2.84
C ARG A 87 7.14 -3.50 1.61
N TYR A 88 8.08 -3.93 0.76
CA TYR A 88 7.73 -4.64 -0.46
C TYR A 88 6.98 -5.95 -0.18
N ALA A 89 7.39 -6.67 0.86
CA ALA A 89 6.73 -7.91 1.24
C ALA A 89 5.28 -7.53 1.57
N ASP A 90 5.15 -6.42 2.31
CA ASP A 90 3.84 -5.89 2.73
C ASP A 90 3.00 -5.62 1.48
N TRP A 91 3.52 -4.76 0.61
CA TRP A 91 2.83 -4.36 -0.61
C TRP A 91 2.45 -5.51 -1.56
N LEU A 92 3.31 -6.52 -1.67
CA LEU A 92 3.03 -7.65 -2.55
C LEU A 92 1.64 -8.23 -2.29
N PHE A 93 1.24 -8.20 -1.02
CA PHE A 93 -0.07 -8.74 -0.65
C PHE A 93 -1.15 -7.69 -0.46
N THR A 94 -0.81 -6.55 0.13
CA THR A 94 -1.80 -5.51 0.39
C THR A 94 -2.37 -4.80 -0.84
N THR A 95 -1.51 -4.38 -1.77
CA THR A 95 -1.99 -3.70 -2.97
C THR A 95 -2.98 -4.53 -3.78
N PRO A 96 -2.72 -5.83 -3.96
CA PRO A 96 -3.66 -6.66 -4.72
C PRO A 96 -5.01 -6.73 -4.00
N LEU A 97 -4.95 -6.80 -2.66
CA LEU A 97 -6.17 -6.88 -1.85
C LEU A 97 -6.97 -5.58 -1.99
N LEU A 98 -6.29 -4.43 -1.90
CA LEU A 98 -6.97 -3.16 -2.05
C LEU A 98 -7.57 -3.12 -3.46
N LEU A 99 -6.78 -3.56 -4.44
CA LEU A 99 -7.24 -3.60 -5.81
C LEU A 99 -8.48 -4.50 -5.88
N LEU A 100 -8.44 -5.59 -5.12
CA LEU A 100 -9.55 -6.53 -5.08
C LEU A 100 -10.82 -5.85 -4.54
N ASP A 101 -10.67 -4.97 -3.55
CA ASP A 101 -11.84 -4.28 -3.02
C ASP A 101 -12.49 -3.44 -4.12
N LEU A 102 -11.67 -2.77 -4.93
CA LEU A 102 -12.15 -1.93 -6.02
C LEU A 102 -12.78 -2.77 -7.13
N ALA A 103 -12.18 -3.93 -7.39
CA ALA A 103 -12.67 -4.84 -8.42
C ALA A 103 -14.09 -5.30 -8.08
N LEU A 104 -14.27 -5.71 -6.82
CA LEU A 104 -15.57 -6.17 -6.33
C LEU A 104 -16.63 -5.09 -6.44
N LEU A 105 -16.26 -3.88 -6.06
CA LEU A 105 -17.15 -2.73 -6.09
C LEU A 105 -17.62 -2.47 -7.54
N ALA A 106 -16.72 -2.69 -8.49
CA ALA A 106 -17.04 -2.48 -9.88
C ALA A 106 -17.79 -3.67 -10.48
N LYS A 107 -17.61 -4.84 -9.90
CA LYS A 107 -18.26 -6.06 -10.39
C LYS A 107 -17.69 -6.47 -11.75
N VAL A 108 -16.38 -6.39 -11.89
CA VAL A 108 -15.72 -6.75 -13.14
C VAL A 108 -15.38 -8.25 -13.13
N ASP A 109 -15.27 -8.84 -14.31
CA ASP A 109 -14.97 -10.27 -14.44
C ASP A 109 -13.62 -10.67 -13.85
N ARG A 110 -13.44 -11.98 -13.66
CA ARG A 110 -12.21 -12.52 -13.07
C ARG A 110 -10.93 -12.23 -13.85
N VAL A 111 -11.05 -12.10 -15.18
CA VAL A 111 -9.86 -11.84 -15.98
C VAL A 111 -9.32 -10.44 -15.68
N THR A 112 -10.22 -9.49 -15.48
CA THR A 112 -9.81 -8.12 -15.16
C THR A 112 -9.08 -8.12 -13.82
N ILE A 113 -9.60 -8.89 -12.87
CA ILE A 113 -9.00 -9.00 -11.54
C ILE A 113 -7.63 -9.67 -11.61
N GLY A 114 -7.54 -10.74 -12.40
CA GLY A 114 -6.26 -11.42 -12.55
C GLY A 114 -5.22 -10.50 -13.13
N THR A 115 -5.63 -9.74 -14.15
CA THR A 115 -4.72 -8.81 -14.80
C THR A 115 -4.18 -7.78 -13.82
N LEU A 116 -5.07 -7.16 -13.05
CA LEU A 116 -4.68 -6.16 -12.07
C LEU A 116 -3.69 -6.70 -11.05
N ILE A 117 -4.01 -7.84 -10.46
CA ILE A 117 -3.14 -8.47 -9.48
C ILE A 117 -1.79 -8.84 -10.09
N GLY A 118 -1.82 -9.39 -11.30
CA GLY A 118 -0.60 -9.76 -11.97
C GLY A 118 0.33 -8.57 -12.20
N VAL A 119 -0.20 -7.52 -12.81
CA VAL A 119 0.59 -6.32 -13.09
C VAL A 119 1.03 -5.62 -11.80
N ASP A 120 0.14 -5.52 -10.84
CA ASP A 120 0.45 -4.89 -9.56
C ASP A 120 1.64 -5.62 -8.94
N ALA A 121 1.55 -6.95 -8.88
CA ALA A 121 2.62 -7.77 -8.31
C ALA A 121 3.94 -7.53 -9.03
N LEU A 122 3.89 -7.40 -10.34
CA LEU A 122 5.10 -7.14 -11.13
C LEU A 122 5.65 -5.78 -10.70
N MET A 123 4.76 -4.84 -10.39
CA MET A 123 5.19 -3.52 -9.95
C MET A 123 5.99 -3.58 -8.64
N ILE A 124 5.44 -4.27 -7.65
CA ILE A 124 6.11 -4.38 -6.35
C ILE A 124 7.42 -5.14 -6.43
N VAL A 125 7.41 -6.28 -7.10
CA VAL A 125 8.64 -7.06 -7.23
C VAL A 125 9.76 -6.29 -7.90
N THR A 126 9.48 -5.66 -9.04
CA THR A 126 10.52 -4.89 -9.70
C THR A 126 10.94 -3.74 -8.81
N GLY A 127 10.00 -3.19 -8.04
CA GLY A 127 10.35 -2.12 -7.14
C GLY A 127 11.36 -2.58 -6.09
N LEU A 128 11.20 -3.82 -5.64
CA LEU A 128 12.10 -4.39 -4.64
C LEU A 128 13.48 -4.65 -5.21
N ILE A 129 13.54 -5.14 -6.45
CA ILE A 129 14.81 -5.40 -7.11
C ILE A 129 15.57 -4.09 -7.25
N GLY A 130 14.87 -3.05 -7.66
CA GLY A 130 15.50 -1.75 -7.79
C GLY A 130 16.01 -1.25 -6.46
N ALA A 131 15.27 -1.56 -5.39
CA ALA A 131 15.65 -1.14 -4.04
C ALA A 131 16.94 -1.81 -3.58
N LEU A 132 17.15 -3.05 -4.02
CA LEU A 132 18.33 -3.81 -3.62
C LEU A 132 19.46 -3.78 -4.65
N SER A 133 19.30 -2.98 -5.71
CA SER A 133 20.34 -2.91 -6.73
C SER A 133 21.51 -2.12 -6.22
N LYS A 134 22.68 -2.40 -6.78
CA LYS A 134 23.92 -1.73 -6.36
C LYS A 134 24.37 -0.63 -7.31
N THR A 135 23.90 -0.70 -8.56
CA THR A 135 24.26 0.29 -9.58
C THR A 135 23.14 1.30 -9.80
N PRO A 136 23.49 2.58 -10.06
CA PRO A 136 22.47 3.59 -10.29
C PRO A 136 21.70 3.27 -11.57
N LEU A 137 22.42 2.75 -12.57
CA LEU A 137 21.81 2.37 -13.84
C LEU A 137 20.72 1.35 -13.59
N ALA A 138 21.03 0.35 -12.77
CA ALA A 138 20.09 -0.69 -12.43
C ALA A 138 18.97 -0.16 -11.52
N ARG A 139 19.35 0.55 -10.46
CA ARG A 139 18.36 1.09 -9.53
C ARG A 139 17.28 1.95 -10.19
N TYR A 140 17.66 2.83 -11.11
CA TYR A 140 16.67 3.68 -11.75
C TYR A 140 15.96 2.98 -12.91
N THR A 141 16.61 1.99 -13.52
CA THR A 141 15.98 1.27 -14.61
C THR A 141 14.80 0.49 -14.03
N TRP A 142 14.99 -0.09 -12.84
CA TRP A 142 13.93 -0.84 -12.18
C TRP A 142 12.79 0.07 -11.75
N TRP A 143 13.15 1.27 -11.29
CA TRP A 143 12.12 2.24 -10.89
C TRP A 143 11.24 2.52 -12.11
N LEU A 144 11.86 2.79 -13.25
CA LEU A 144 11.10 3.06 -14.47
C LEU A 144 10.27 1.84 -14.85
N PHE A 145 10.87 0.66 -14.73
CA PHE A 145 10.19 -0.60 -15.05
C PHE A 145 8.93 -0.78 -14.20
N SER A 146 9.06 -0.58 -12.90
CA SER A 146 7.94 -0.70 -11.99
C SER A 146 6.88 0.39 -12.26
N THR A 147 7.35 1.59 -12.61
CA THR A 147 6.45 2.70 -12.88
C THR A 147 5.53 2.39 -14.05
N ILE A 148 6.08 1.77 -15.09
CA ILE A 148 5.28 1.41 -16.26
C ILE A 148 4.14 0.50 -15.83
N ALA A 149 4.45 -0.51 -15.01
CA ALA A 149 3.43 -1.43 -14.52
C ALA A 149 2.36 -0.63 -13.79
N PHE A 150 2.80 0.31 -12.94
CA PHE A 150 1.89 1.15 -12.18
C PHE A 150 0.96 1.90 -13.13
N LEU A 151 1.52 2.32 -14.26
CA LEU A 151 0.75 3.06 -15.27
C LEU A 151 -0.40 2.18 -15.78
N PHE A 152 -0.11 0.92 -16.12
CA PHE A 152 -1.15 0.02 -16.59
C PHE A 152 -2.19 -0.17 -15.50
N VAL A 153 -1.73 -0.30 -14.26
CA VAL A 153 -2.63 -0.48 -13.14
C VAL A 153 -3.62 0.68 -13.05
N LEU A 154 -3.10 1.90 -13.02
CA LEU A 154 -3.95 3.08 -12.96
C LEU A 154 -4.85 3.15 -14.19
N TYR A 155 -4.29 2.79 -15.34
CA TYR A 155 -5.05 2.84 -16.58
C TYR A 155 -6.30 1.98 -16.54
N TYR A 156 -6.16 0.70 -16.21
CA TYR A 156 -7.34 -0.17 -16.15
C TYR A 156 -8.28 0.20 -15.01
N LEU A 157 -7.75 0.85 -13.99
CA LEU A 157 -8.55 1.29 -12.86
C LEU A 157 -9.47 2.43 -13.30
N LEU A 158 -8.92 3.37 -14.06
CA LEU A 158 -9.67 4.53 -14.53
C LEU A 158 -10.51 4.29 -15.78
N THR A 159 -10.38 3.12 -16.41
CA THR A 159 -11.14 2.80 -17.60
C THR A 159 -12.05 1.58 -17.40
N SER A 160 -11.46 0.39 -17.42
CA SER A 160 -12.22 -0.84 -17.25
C SER A 160 -13.06 -0.86 -15.97
N LEU A 161 -12.40 -0.66 -14.83
CA LEU A 161 -13.11 -0.68 -13.56
C LEU A 161 -14.09 0.49 -13.43
N ARG A 162 -13.65 1.69 -13.86
CA ARG A 162 -14.50 2.87 -13.78
C ARG A 162 -15.80 2.71 -14.56
N SER A 163 -15.68 2.30 -15.83
CA SER A 163 -16.86 2.12 -16.68
C SER A 163 -17.81 1.07 -16.10
N ALA A 164 -17.27 0.00 -15.54
CA ALA A 164 -18.11 -1.06 -14.97
C ALA A 164 -18.86 -0.50 -13.77
N ALA A 165 -18.14 0.15 -12.87
CA ALA A 165 -18.73 0.73 -11.67
C ALA A 165 -19.76 1.82 -11.99
N ALA A 166 -19.63 2.44 -13.16
CA ALA A 166 -20.55 3.50 -13.56
C ALA A 166 -21.91 2.93 -13.97
N LYS A 167 -21.96 1.62 -14.17
CA LYS A 167 -23.20 0.97 -14.55
C LYS A 167 -23.97 0.51 -13.32
N ARG A 168 -23.32 0.55 -12.17
CA ARG A 168 -23.96 0.12 -10.93
C ARG A 168 -24.78 1.24 -10.29
N SER A 169 -25.36 0.96 -9.13
CA SER A 169 -26.17 1.94 -8.43
C SER A 169 -25.38 3.20 -8.11
N GLU A 170 -26.10 4.28 -7.81
CA GLU A 170 -25.48 5.55 -7.47
C GLU A 170 -24.67 5.43 -6.19
N GLU A 171 -25.15 4.60 -5.28
CA GLU A 171 -24.48 4.37 -4.00
C GLU A 171 -23.13 3.70 -4.24
N VAL A 172 -23.14 2.63 -5.02
CA VAL A 172 -21.92 1.90 -5.34
C VAL A 172 -20.98 2.74 -6.17
N ARG A 173 -21.50 3.37 -7.23
CA ARG A 173 -20.64 4.18 -8.09
C ARG A 173 -20.04 5.34 -7.30
N SER A 174 -20.79 5.85 -6.34
CA SER A 174 -20.32 6.95 -5.51
C SER A 174 -19.07 6.56 -4.71
N THR A 175 -19.16 5.44 -4.01
CA THR A 175 -18.05 4.96 -3.20
C THR A 175 -16.85 4.55 -4.05
N PHE A 176 -17.12 3.96 -5.21
CA PHE A 176 -16.03 3.56 -6.08
C PHE A 176 -15.17 4.79 -6.40
N ASN A 177 -15.81 5.84 -6.90
CA ASN A 177 -15.08 7.06 -7.24
C ASN A 177 -14.26 7.63 -6.09
N THR A 178 -14.84 7.66 -4.89
CA THR A 178 -14.14 8.17 -3.70
C THR A 178 -13.22 7.13 -3.05
N LEU A 179 -12.57 6.34 -3.88
CA LEU A 179 -11.61 5.34 -3.41
C LEU A 179 -10.59 5.27 -4.51
N THR A 180 -11.08 5.29 -5.75
CA THR A 180 -10.21 5.24 -6.92
C THR A 180 -9.42 6.55 -6.95
N ALA A 181 -10.07 7.65 -6.62
CA ALA A 181 -9.43 8.95 -6.60
C ALA A 181 -8.40 8.95 -5.46
N LEU A 182 -8.82 8.39 -4.32
CA LEU A 182 -7.95 8.30 -3.15
C LEU A 182 -6.71 7.49 -3.55
N VAL A 183 -6.95 6.36 -4.21
CA VAL A 183 -5.87 5.49 -4.67
C VAL A 183 -4.94 6.21 -5.64
N ALA A 184 -5.53 6.79 -6.68
CA ALA A 184 -4.78 7.49 -7.71
C ALA A 184 -3.79 8.51 -7.14
N VAL A 185 -4.23 9.30 -6.18
CA VAL A 185 -3.36 10.31 -5.61
C VAL A 185 -2.39 9.75 -4.55
N LEU A 186 -2.91 8.93 -3.64
CA LEU A 186 -2.06 8.36 -2.60
C LEU A 186 -0.98 7.46 -3.22
N TRP A 187 -1.40 6.45 -3.96
CA TRP A 187 -0.48 5.50 -4.58
C TRP A 187 0.62 6.18 -5.40
N THR A 188 0.28 7.23 -6.12
CA THR A 188 1.29 7.90 -6.94
C THR A 188 2.39 8.53 -6.09
N ALA A 189 2.08 8.80 -4.84
CA ALA A 189 3.05 9.38 -3.91
C ALA A 189 4.19 8.43 -3.54
N TYR A 190 3.99 7.12 -3.73
CA TYR A 190 5.03 6.16 -3.39
C TYR A 190 6.24 6.23 -4.32
N PRO A 191 6.02 6.17 -5.65
CA PRO A 191 7.20 6.25 -6.52
C PRO A 191 7.98 7.54 -6.34
N ILE A 192 7.29 8.62 -5.99
CA ILE A 192 7.90 9.94 -5.78
C ILE A 192 8.80 9.91 -4.56
N LEU A 193 8.21 9.57 -3.41
CA LEU A 193 8.96 9.49 -2.16
C LEU A 193 10.17 8.59 -2.32
N TRP A 194 10.02 7.55 -3.14
CA TRP A 194 11.08 6.60 -3.41
C TRP A 194 12.25 7.25 -4.14
N ILE A 195 11.94 7.95 -5.23
CA ILE A 195 12.98 8.57 -6.02
C ILE A 195 13.62 9.79 -5.35
N VAL A 196 12.95 10.35 -4.35
CA VAL A 196 13.51 11.50 -3.64
C VAL A 196 14.08 11.09 -2.28
N GLY A 197 13.77 9.86 -1.86
CA GLY A 197 14.26 9.37 -0.59
C GLY A 197 15.64 8.72 -0.67
N THR A 198 16.04 8.03 0.39
CA THR A 198 17.35 7.37 0.42
C THR A 198 17.52 6.33 -0.68
N GLU A 199 16.42 5.86 -1.25
CA GLU A 199 16.52 4.86 -2.31
C GLU A 199 16.83 5.50 -3.65
N GLY A 200 16.81 6.84 -3.68
CA GLY A 200 17.08 7.56 -4.92
C GLY A 200 17.96 8.78 -4.73
N ALA A 201 17.50 9.94 -5.18
CA ALA A 201 18.28 11.18 -5.06
C ALA A 201 18.70 11.47 -3.62
N GLY A 202 17.89 11.03 -2.67
CA GLY A 202 18.21 11.25 -1.27
C GLY A 202 18.15 12.68 -0.76
N VAL A 203 17.13 13.43 -1.15
CA VAL A 203 16.97 14.81 -0.69
C VAL A 203 16.16 14.76 0.61
N VAL A 204 15.48 13.64 0.79
CA VAL A 204 14.66 13.40 1.97
C VAL A 204 15.41 12.45 2.88
N GLY A 205 15.36 12.71 4.19
CA GLY A 205 16.05 11.86 5.14
C GLY A 205 15.30 10.56 5.39
N LEU A 206 15.98 9.61 6.03
CA LEU A 206 15.37 8.32 6.32
C LEU A 206 14.30 8.49 7.41
N GLY A 207 14.48 9.50 8.26
CA GLY A 207 13.53 9.76 9.32
C GLY A 207 12.24 10.35 8.78
N ILE A 208 12.36 11.35 7.90
CA ILE A 208 11.21 12.00 7.29
C ILE A 208 10.51 11.03 6.34
N GLU A 209 11.31 10.31 5.56
CA GLU A 209 10.80 9.34 4.60
C GLU A 209 9.90 8.33 5.31
N THR A 210 10.41 7.78 6.41
CA THR A 210 9.67 6.78 7.18
C THR A 210 8.36 7.36 7.69
N LEU A 211 8.41 8.61 8.13
CA LEU A 211 7.23 9.30 8.64
C LEU A 211 6.23 9.42 7.50
N ALA A 212 6.72 9.81 6.33
CA ALA A 212 5.89 9.98 5.15
C ALA A 212 5.22 8.66 4.78
N PHE A 213 6.01 7.61 4.60
CA PHE A 213 5.45 6.31 4.25
C PHE A 213 4.43 5.86 5.28
N MET A 214 4.66 6.19 6.54
CA MET A 214 3.74 5.79 7.61
C MET A 214 2.40 6.51 7.46
N VAL A 215 2.44 7.79 7.07
CA VAL A 215 1.23 8.56 6.86
C VAL A 215 0.52 8.06 5.60
N LEU A 216 1.31 7.74 4.58
CA LEU A 216 0.73 7.22 3.35
C LEU A 216 0.07 5.88 3.60
N ASP A 217 0.80 4.97 4.26
CA ASP A 217 0.27 3.64 4.54
C ASP A 217 -1.00 3.65 5.38
N VAL A 218 -0.98 4.37 6.50
CA VAL A 218 -2.15 4.41 7.37
C VAL A 218 -3.37 4.95 6.62
N THR A 219 -3.19 5.98 5.80
CA THR A 219 -4.31 6.55 5.05
C THR A 219 -4.80 5.56 3.99
N ALA A 220 -3.86 5.01 3.21
CA ALA A 220 -4.24 4.05 2.16
C ALA A 220 -4.78 2.75 2.73
N LYS A 221 -4.50 2.48 4.01
CA LYS A 221 -4.96 1.27 4.69
C LYS A 221 -6.22 1.51 5.50
N VAL A 222 -6.02 2.13 6.67
CA VAL A 222 -7.12 2.43 7.58
C VAL A 222 -8.10 3.43 6.96
N GLY A 223 -7.58 4.52 6.38
CA GLY A 223 -8.45 5.52 5.78
C GLY A 223 -9.32 4.93 4.68
N PHE A 224 -8.68 4.24 3.75
CA PHE A 224 -9.39 3.59 2.65
C PHE A 224 -10.43 2.66 3.27
N GLY A 225 -9.98 1.81 4.18
CA GLY A 225 -10.90 0.87 4.81
C GLY A 225 -12.05 1.52 5.54
N PHE A 226 -11.79 2.66 6.16
CA PHE A 226 -12.83 3.37 6.90
C PHE A 226 -13.91 3.84 5.95
N VAL A 227 -13.51 4.51 4.87
CA VAL A 227 -14.47 5.01 3.89
C VAL A 227 -15.29 3.89 3.27
N LEU A 228 -14.62 2.77 3.01
CA LEU A 228 -15.27 1.61 2.39
C LEU A 228 -16.24 0.88 3.30
N LEU A 229 -15.74 0.44 4.45
CA LEU A 229 -16.55 -0.30 5.41
C LEU A 229 -17.67 0.54 6.02
N ARG A 230 -17.62 1.84 5.80
CA ARG A 230 -18.61 2.76 6.33
C ARG A 230 -19.77 2.97 5.36
N SER A 231 -19.48 2.81 4.08
CA SER A 231 -20.47 3.01 3.03
C SER A 231 -21.52 1.91 2.94
N ARG A 232 -22.67 2.28 2.37
CA ARG A 232 -23.77 1.34 2.18
C ARG A 232 -23.52 0.52 0.92
N ALA A 233 -22.52 0.94 0.15
CA ALA A 233 -22.16 0.28 -1.10
C ALA A 233 -21.71 -1.17 -0.93
N ILE A 234 -21.28 -1.52 0.27
CA ILE A 234 -20.81 -2.89 0.53
C ILE A 234 -21.96 -3.82 0.89
N LEU A 235 -23.17 -3.26 1.03
CA LEU A 235 -24.34 -4.06 1.39
C LEU A 235 -25.24 -4.36 0.18
N GLY A 236 -24.96 -5.47 -0.50
CA GLY A 236 -25.75 -5.86 -1.65
C GLY A 236 -25.87 -4.79 -2.73
N GLU A 237 -27.09 -4.30 -2.94
CA GLU A 237 -27.36 -3.26 -3.92
C GLU A 237 -28.86 -2.90 -3.95
N THR A 238 -29.17 -1.71 -4.46
CA THR A 238 -30.54 -1.24 -4.54
C THR A 238 -31.15 -1.53 -5.91
#